data_8RVA
#
_entry.id   8RVA
#
_cell.length_a   167.816
_cell.length_b   167.816
_cell.length_c   51.857
_cell.angle_alpha   90.000
_cell.angle_beta   90.000
_cell.angle_gamma   120.000
#
_symmetry.space_group_name_H-M   'P 31 2 1'
#
loop_
_entity.id
_entity.type
_entity.pdbx_description
1 polymer "2'-O-methyltransferase nsp16"
2 polymer 'Non-structural protein 10'
3 non-polymer '2-(N-MORPHOLINO)-ETHANESULFONIC ACID'
4 non-polymer '3-[[(2~{S},3~{S},4~{R},5~{R})-5-(6-aminopurin-9-yl)-3,4-bis(oxidanyl)oxolan-2-yl]methylsulfanylmethyl]benzoic acid'
5 non-polymer 'ZINC ION'
6 water water
#
loop_
_entity_poly.entity_id
_entity_poly.type
_entity_poly.pdbx_seq_one_letter_code
_entity_poly.pdbx_strand_id
1 'polypeptide(L)'
;GSMASSQAWQPGVAMPNLYKMQRMLLEKCDLQNYGDSATLPKGIMMNVAKYTQLCQYLNTLTLAVPYNMRVIHFGAGSDK
GVAPGTAVLRQWLPTGTLLVDSDLNDFVSDADSTLIGDCATVHTANKWDLIISDMYDPKTKNVTKENDSKEGFFTYICGF
IQQKLALGGSVAIKITEHSWNADLYKLMGHFAWWTAFVTNVNASSSEAFLIGCNYLGKPREQIDGYVMHANYIFWRNTNP
IQLSSYSLFDMSKFPLKLRGTAVMSLKEGQINDMILSLLSKGRLIIRENNRVVISSDVLVNN
;
A
2 'polypeptide(L)'
;GSMAGNATEVPANSTVLSFCAFAVDAAKAYKDYLASGGQPITNCVKMLCTHTGTGQAITVTPEANMDQESFGGASCCLYC
RCHIDHPNPKGFCDLKGKYVQIPTTCANDPVGFTLKNTVCTVCGMWKGYGCSCDQLREPMLQ
;
B
#
loop_
_chem_comp.id
_chem_comp.type
_chem_comp.name
_chem_comp.formula
A1H3D non-polymer '3-[[(2~{S},3~{S},4~{R},5~{R})-5-(6-aminopurin-9-yl)-3,4-bis(oxidanyl)oxolan-2-yl]methylsulfanylmethyl]benzoic acid' 'C18 H19 N5 O5 S'
MES non-polymer '2-(N-MORPHOLINO)-ETHANESULFONIC ACID' 'C6 H13 N O4 S'
ZN non-polymer 'ZINC ION' 'Zn 2'
#
# COMPACT_ATOMS: atom_id res chain seq x y z
N SER A 5 27.00 -6.21 -2.32
CA SER A 5 25.64 -5.89 -1.92
C SER A 5 25.47 -5.82 -0.38
N SER A 6 26.08 -4.77 0.19
CA SER A 6 25.52 -4.18 1.41
C SER A 6 24.07 -3.76 1.18
N GLN A 7 23.62 -3.77 -0.07
CA GLN A 7 22.22 -3.58 -0.41
C GLN A 7 21.30 -4.59 0.24
N ALA A 8 21.81 -5.75 0.64
CA ALA A 8 20.93 -6.81 1.14
C ALA A 8 20.27 -6.44 2.46
N TRP A 9 20.82 -5.48 3.22
CA TRP A 9 20.16 -5.04 4.44
C TRP A 9 19.28 -3.82 4.22
N GLN A 10 19.26 -3.25 3.03
CA GLN A 10 18.33 -2.18 2.70
C GLN A 10 16.95 -2.76 2.43
N PRO A 11 15.90 -1.93 2.35
CA PRO A 11 14.59 -2.47 1.92
C PRO A 11 14.56 -2.78 0.43
N GLY A 12 15.49 -2.24 -0.34
CA GLY A 12 15.53 -2.48 -1.77
C GLY A 12 16.58 -1.59 -2.38
N VAL A 13 16.52 -1.44 -3.71
CA VAL A 13 17.55 -0.71 -4.44
C VAL A 13 16.88 0.31 -5.34
N ALA A 14 17.34 1.56 -5.26
CA ALA A 14 16.86 2.63 -6.13
C ALA A 14 17.78 2.77 -7.33
N MET A 15 17.19 3.10 -8.47
CA MET A 15 17.94 3.28 -9.72
C MET A 15 19.02 4.35 -9.57
N PRO A 16 20.30 4.01 -9.73
CA PRO A 16 21.36 5.02 -9.55
C PRO A 16 21.25 6.14 -10.57
N ASN A 17 21.60 7.35 -10.12
CA ASN A 17 21.40 8.55 -10.93
C ASN A 17 22.11 8.45 -12.27
N LEU A 18 23.30 7.86 -12.30
CA LEU A 18 24.03 7.79 -13.58
C LEU A 18 23.24 6.98 -14.61
N TYR A 19 22.49 5.96 -14.17
CA TYR A 19 21.69 5.22 -15.14
C TYR A 19 20.57 6.07 -15.70
N LYS A 20 20.01 6.99 -14.90
CA LYS A 20 18.97 7.88 -15.40
C LYS A 20 19.46 8.79 -16.51
N MET A 21 20.77 9.06 -16.54
CA MET A 21 21.35 10.01 -17.48
C MET A 21 21.78 9.38 -18.80
N GLN A 22 21.57 8.09 -18.99
CA GLN A 22 21.99 7.43 -20.21
C GLN A 22 20.98 7.66 -21.33
N ARG A 23 21.30 7.18 -22.53
CA ARG A 23 20.35 7.17 -23.64
C ARG A 23 20.37 5.77 -24.25
N MET A 24 19.88 4.79 -23.49
CA MET A 24 19.92 3.42 -23.95
C MET A 24 18.75 3.12 -24.89
N LEU A 25 18.95 2.13 -25.75
CA LEU A 25 17.87 1.57 -26.52
C LEU A 25 17.17 0.49 -25.71
N LEU A 26 15.87 0.33 -25.94
CA LEU A 26 15.10 -0.65 -25.17
C LEU A 26 15.51 -2.06 -25.57
N GLU A 27 15.79 -2.89 -24.57
CA GLU A 27 16.08 -4.28 -24.80
C GLU A 27 15.12 -5.14 -24.00
N LYS A 28 15.14 -6.44 -24.29
CA LYS A 28 14.43 -7.40 -23.46
C LYS A 28 15.03 -7.43 -22.07
N CYS A 29 14.16 -7.52 -21.05
CA CYS A 29 14.66 -7.64 -19.69
C CYS A 29 14.97 -9.11 -19.42
N ASP A 30 16.21 -9.39 -19.01
CA ASP A 30 16.65 -10.76 -18.71
C ASP A 30 17.39 -10.72 -17.38
N LEU A 31 16.69 -11.04 -16.30
CA LEU A 31 17.24 -10.91 -14.96
C LEU A 31 18.01 -12.16 -14.59
N GLN A 32 19.24 -11.98 -14.11
CA GLN A 32 20.05 -13.11 -13.69
C GLN A 32 19.36 -13.94 -12.62
N ASN A 33 18.71 -13.28 -11.66
CA ASN A 33 18.09 -13.93 -10.53
C ASN A 33 16.62 -14.27 -10.78
N TYR A 34 16.20 -14.28 -12.05
CA TYR A 34 14.85 -14.70 -12.40
C TYR A 34 14.56 -16.08 -11.86
N GLY A 35 13.39 -16.27 -11.25
CA GLY A 35 13.00 -17.54 -10.69
C GLY A 35 13.51 -17.83 -9.30
N ASP A 36 14.53 -17.11 -8.82
CA ASP A 36 14.89 -17.17 -7.42
C ASP A 36 13.80 -16.50 -6.58
N SER A 37 13.74 -16.89 -5.30
CA SER A 37 12.73 -16.40 -4.38
C SER A 37 13.37 -16.02 -3.05
N ALA A 38 12.92 -14.91 -2.47
CA ALA A 38 13.30 -14.61 -1.09
C ALA A 38 12.53 -15.53 -0.16
N THR A 39 13.19 -15.94 0.93
CA THR A 39 12.48 -16.68 1.96
C THR A 39 11.79 -15.67 2.86
N LEU A 40 10.48 -15.63 2.80
CA LEU A 40 9.73 -14.69 3.62
C LEU A 40 9.61 -15.22 5.04
N PRO A 41 9.51 -14.33 6.04
CA PRO A 41 9.23 -14.77 7.41
C PRO A 41 7.98 -15.64 7.43
N LYS A 42 7.94 -16.55 8.41
CA LYS A 42 6.86 -17.54 8.49
C LYS A 42 5.49 -16.88 8.40
N GLY A 43 4.68 -17.32 7.43
CA GLY A 43 3.31 -16.87 7.32
C GLY A 43 3.09 -15.48 6.74
N ILE A 44 4.14 -14.80 6.27
CA ILE A 44 3.99 -13.45 5.75
C ILE A 44 3.79 -13.53 4.23
N MET A 45 2.77 -12.82 3.71
CA MET A 45 2.49 -12.78 2.27
C MET A 45 3.50 -11.90 1.53
N MET A 46 3.78 -12.24 0.27
CA MET A 46 4.65 -11.39 -0.57
C MET A 46 4.18 -9.94 -0.58
N ASN A 47 2.86 -9.71 -0.69
CA ASN A 47 2.46 -8.31 -0.83
C ASN A 47 2.60 -7.55 0.48
N VAL A 48 2.50 -8.21 1.63
CA VAL A 48 2.82 -7.51 2.87
C VAL A 48 4.31 -7.16 2.91
N ALA A 49 5.16 -8.12 2.57
CA ALA A 49 6.60 -7.87 2.56
C ALA A 49 6.97 -6.77 1.57
N LYS A 50 6.39 -6.82 0.37
CA LYS A 50 6.71 -5.85 -0.68
C LYS A 50 6.32 -4.44 -0.25
N TYR A 51 5.08 -4.26 0.23
CA TYR A 51 4.66 -2.92 0.70
C TYR A 51 5.45 -2.49 1.94
N THR A 52 5.81 -3.41 2.82
CA THR A 52 6.64 -3.00 3.96
C THR A 52 7.96 -2.43 3.49
N GLN A 53 8.59 -3.07 2.50
CA GLN A 53 9.87 -2.56 2.01
C GLN A 53 9.69 -1.25 1.25
N LEU A 54 8.61 -1.12 0.47
CA LEU A 54 8.31 0.17 -0.17
C LEU A 54 8.19 1.29 0.86
N CYS A 55 7.44 1.04 1.94
CA CYS A 55 7.28 2.05 2.97
C CYS A 55 8.59 2.34 3.70
N GLN A 56 9.38 1.30 3.98
CA GLN A 56 10.70 1.52 4.58
C GLN A 56 11.57 2.43 3.70
N TYR A 57 11.49 2.26 2.38
CA TYR A 57 12.24 3.15 1.49
C TYR A 57 11.66 4.56 1.48
N LEU A 58 10.33 4.67 1.44
CA LEU A 58 9.70 6.00 1.47
C LEU A 58 10.07 6.75 2.75
N ASN A 59 10.36 6.02 3.84
CA ASN A 59 10.81 6.66 5.07
C ASN A 59 12.10 7.43 4.87
N THR A 60 12.88 7.11 3.84
CA THR A 60 14.17 7.78 3.62
C THR A 60 14.04 9.03 2.76
N LEU A 61 12.86 9.33 2.24
CA LEU A 61 12.65 10.47 1.34
C LEU A 61 12.01 11.63 2.09
N THR A 62 12.04 12.80 1.48
CA THR A 62 11.47 14.01 2.08
C THR A 62 9.97 14.12 1.83
N LEU A 63 9.22 13.09 2.24
CA LEU A 63 7.78 13.12 2.10
C LEU A 63 7.17 14.22 2.96
N ALA A 64 6.22 14.96 2.37
CA ALA A 64 5.39 15.86 3.15
C ALA A 64 4.36 15.06 3.96
N VAL A 65 4.30 15.30 5.27
CA VAL A 65 3.39 14.54 6.12
C VAL A 65 2.55 15.52 6.95
N PRO A 66 1.45 16.04 6.40
CA PRO A 66 0.62 16.98 7.13
C PRO A 66 -0.28 16.29 8.15
N TYR A 67 -0.88 17.10 9.02
CA TYR A 67 -2.03 16.63 9.77
C TYR A 67 -3.18 16.34 8.81
N ASN A 68 -4.00 15.35 9.15
CA ASN A 68 -5.09 14.91 8.28
C ASN A 68 -4.58 14.68 6.87
N MET A 69 -3.46 13.95 6.80
CA MET A 69 -2.90 13.53 5.53
C MET A 69 -3.92 12.71 4.75
N ARG A 70 -3.88 12.82 3.42
CA ARG A 70 -4.83 12.18 2.51
C ARG A 70 -4.06 11.26 1.57
N VAL A 71 -4.36 9.97 1.60
CA VAL A 71 -3.65 8.97 0.80
C VAL A 71 -4.66 8.15 0.03
N ILE A 72 -4.41 7.94 -1.27
CA ILE A 72 -5.29 7.10 -2.08
C ILE A 72 -4.44 5.97 -2.69
N HIS A 73 -5.02 4.77 -2.71
CA HIS A 73 -4.31 3.54 -3.04
C HIS A 73 -5.08 2.81 -4.14
N PHE A 74 -4.56 2.83 -5.37
CA PHE A 74 -5.19 2.13 -6.49
C PHE A 74 -4.62 0.72 -6.67
N GLY A 75 -5.46 -0.19 -7.14
CA GLY A 75 -5.05 -1.57 -7.32
C GLY A 75 -4.86 -2.32 -6.02
N ALA A 76 -5.73 -2.08 -5.04
CA ALA A 76 -5.55 -2.53 -3.67
C ALA A 76 -6.15 -3.90 -3.40
N GLY A 77 -6.90 -4.45 -4.35
CA GLY A 77 -7.54 -5.74 -4.14
C GLY A 77 -6.61 -6.89 -4.53
N SER A 78 -6.94 -8.08 -4.06
CA SER A 78 -6.18 -9.28 -4.41
C SER A 78 -7.15 -10.33 -4.89
N ASP A 79 -6.61 -11.36 -5.56
CA ASP A 79 -7.45 -12.50 -5.88
C ASP A 79 -7.90 -13.25 -4.63
N LYS A 80 -7.33 -12.91 -3.48
CA LYS A 80 -7.78 -13.44 -2.20
C LYS A 80 -8.95 -12.64 -1.62
N GLY A 81 -9.33 -11.51 -2.22
CA GLY A 81 -10.44 -10.72 -1.73
C GLY A 81 -10.15 -9.87 -0.50
N VAL A 82 -8.88 -9.65 -0.17
CA VAL A 82 -8.46 -8.79 0.93
C VAL A 82 -7.43 -7.80 0.38
N ALA A 83 -6.90 -6.94 1.24
CA ALA A 83 -6.06 -5.82 0.80
C ALA A 83 -4.80 -5.75 1.66
N PRO A 84 -3.83 -6.62 1.40
CA PRO A 84 -2.60 -6.61 2.22
C PRO A 84 -1.83 -5.31 2.14
N GLY A 85 -1.73 -4.73 0.94
CA GLY A 85 -1.01 -3.46 0.81
C GLY A 85 -1.67 -2.33 1.58
N THR A 86 -3.01 -2.26 1.53
CA THR A 86 -3.71 -1.27 2.33
C THR A 86 -3.43 -1.48 3.83
N ALA A 87 -3.40 -2.73 4.28
CA ALA A 87 -3.12 -2.99 5.69
C ALA A 87 -1.73 -2.49 6.09
N VAL A 88 -0.73 -2.64 5.22
CA VAL A 88 0.61 -2.09 5.49
C VAL A 88 0.59 -0.56 5.46
N LEU A 89 -0.08 0.05 4.48
CA LEU A 89 -0.15 1.51 4.45
C LEU A 89 -0.80 2.07 5.70
N ARG A 90 -1.87 1.42 6.18
CA ARG A 90 -2.52 1.91 7.39
C ARG A 90 -1.62 1.75 8.60
N GLN A 91 -0.79 0.70 8.61
CA GLN A 91 0.17 0.53 9.70
C GLN A 91 1.23 1.62 9.66
N TRP A 92 1.65 1.99 8.46
CA TRP A 92 2.74 2.94 8.25
C TRP A 92 2.31 4.38 8.50
N LEU A 93 1.14 4.77 8.01
CA LEU A 93 0.74 6.17 8.00
C LEU A 93 0.32 6.61 9.41
N PRO A 94 0.50 7.89 9.74
CA PRO A 94 0.11 8.34 11.10
C PRO A 94 -1.36 8.07 11.39
N THR A 95 -1.65 7.75 12.65
CA THR A 95 -3.04 7.56 13.05
C THR A 95 -3.84 8.82 12.71
N GLY A 96 -5.03 8.62 12.16
CA GLY A 96 -5.84 9.72 11.69
C GLY A 96 -5.65 10.08 10.23
N THR A 97 -4.66 9.50 9.56
CA THR A 97 -4.52 9.69 8.13
C THR A 97 -5.76 9.13 7.42
N LEU A 98 -6.31 9.90 6.50
CA LEU A 98 -7.43 9.42 5.69
C LEU A 98 -6.90 8.59 4.52
N LEU A 99 -7.32 7.34 4.45
CA LEU A 99 -6.82 6.37 3.47
C LEU A 99 -7.99 5.83 2.68
N VAL A 100 -7.96 6.03 1.36
CA VAL A 100 -8.99 5.53 0.44
C VAL A 100 -8.33 4.52 -0.50
N ASP A 101 -9.00 3.40 -0.76
CA ASP A 101 -8.42 2.48 -1.74
C ASP A 101 -9.47 2.06 -2.75
N SER A 102 -9.02 1.33 -3.77
CA SER A 102 -9.83 1.05 -4.94
C SER A 102 -9.28 -0.13 -5.72
N ASP A 103 -10.18 -0.85 -6.38
CA ASP A 103 -9.78 -1.92 -7.28
C ASP A 103 -10.94 -2.22 -8.22
N LEU A 104 -10.61 -2.81 -9.37
CA LEU A 104 -11.63 -3.28 -10.31
C LEU A 104 -12.55 -4.31 -9.67
N ASN A 105 -12.00 -5.20 -8.85
CA ASN A 105 -12.73 -6.32 -8.26
C ASN A 105 -13.02 -6.10 -6.78
N ASP A 106 -14.10 -6.70 -6.30
CA ASP A 106 -14.52 -6.49 -4.93
C ASP A 106 -13.49 -7.06 -3.95
N PHE A 107 -13.32 -6.38 -2.83
CA PHE A 107 -12.42 -6.87 -1.79
C PHE A 107 -12.79 -6.19 -0.48
N VAL A 108 -12.25 -6.74 0.60
CA VAL A 108 -12.50 -6.33 1.97
C VAL A 108 -11.25 -5.57 2.46
N SER A 109 -11.45 -4.40 3.08
CA SER A 109 -10.32 -3.49 3.26
C SER A 109 -10.35 -2.79 4.62
N ASP A 110 -9.17 -2.43 5.11
CA ASP A 110 -9.00 -1.60 6.29
C ASP A 110 -8.98 -0.10 5.99
N ALA A 111 -9.13 0.31 4.73
CA ALA A 111 -9.15 1.73 4.41
C ALA A 111 -10.39 2.39 5.00
N ASP A 112 -10.33 3.72 5.13
CA ASP A 112 -11.50 4.46 5.59
C ASP A 112 -12.63 4.39 4.59
N SER A 113 -12.32 4.29 3.30
CA SER A 113 -13.37 4.11 2.31
C SER A 113 -12.78 3.38 1.12
N THR A 114 -13.61 2.57 0.45
CA THR A 114 -13.18 1.72 -0.64
C THR A 114 -14.12 1.88 -1.83
N LEU A 115 -13.58 2.04 -3.03
CA LEU A 115 -14.39 2.14 -4.24
C LEU A 115 -14.08 0.96 -5.15
N ILE A 116 -15.12 0.29 -5.65
CA ILE A 116 -14.95 -0.88 -6.51
C ILE A 116 -15.36 -0.50 -7.92
N GLY A 117 -14.46 -0.72 -8.87
CA GLY A 117 -14.70 -0.41 -10.27
C GLY A 117 -13.40 -0.05 -10.96
N ASP A 118 -13.48 0.08 -12.29
CA ASP A 118 -12.31 0.54 -13.03
C ASP A 118 -11.86 1.88 -12.48
N CYS A 119 -10.55 2.08 -12.37
CA CYS A 119 -10.06 3.33 -11.78
C CYS A 119 -10.56 4.55 -12.54
N ALA A 120 -10.80 4.40 -13.84
CA ALA A 120 -11.28 5.51 -14.65
C ALA A 120 -12.62 6.03 -14.16
N THR A 121 -13.38 5.22 -13.43
CA THR A 121 -14.65 5.64 -12.85
C THR A 121 -14.50 6.46 -11.56
N VAL A 122 -13.29 6.55 -10.99
CA VAL A 122 -13.08 7.15 -9.68
C VAL A 122 -12.86 8.66 -9.83
N HIS A 123 -13.61 9.45 -9.06
CA HIS A 123 -13.46 10.89 -9.03
C HIS A 123 -13.42 11.36 -7.58
N THR A 124 -12.62 12.40 -7.32
CA THR A 124 -12.52 12.95 -5.97
C THR A 124 -12.60 14.47 -6.03
N ALA A 125 -13.31 15.04 -5.05
CA ALA A 125 -13.42 16.49 -5.00
C ALA A 125 -12.10 17.10 -4.55
N ASN A 126 -11.41 16.42 -3.64
CA ASN A 126 -10.23 16.93 -2.97
C ASN A 126 -8.95 16.49 -3.70
N LYS A 127 -7.85 17.14 -3.33
CA LYS A 127 -6.51 16.70 -3.75
C LYS A 127 -5.90 15.80 -2.68
N TRP A 128 -4.81 15.12 -3.06
CA TRP A 128 -4.21 14.07 -2.25
C TRP A 128 -2.75 14.40 -1.96
N ASP A 129 -2.26 13.92 -0.82
CA ASP A 129 -0.86 14.10 -0.44
C ASP A 129 0.05 12.97 -0.90
N LEU A 130 -0.50 11.79 -1.16
CA LEU A 130 0.29 10.62 -1.57
C LEU A 130 -0.61 9.73 -2.39
N ILE A 131 -0.14 9.28 -3.55
CA ILE A 131 -0.87 8.33 -4.39
C ILE A 131 -0.01 7.07 -4.51
N ILE A 132 -0.57 5.92 -4.14
CA ILE A 132 0.08 4.62 -4.32
C ILE A 132 -0.71 3.84 -5.35
N SER A 133 -0.02 3.20 -6.31
CA SER A 133 -0.73 2.35 -7.26
C SER A 133 0.03 1.04 -7.42
N ASP A 134 -0.70 -0.06 -7.30
CA ASP A 134 -0.19 -1.38 -7.62
C ASP A 134 -0.92 -1.96 -8.83
N MET A 135 -1.64 -1.14 -9.59
CA MET A 135 -2.40 -1.66 -10.72
C MET A 135 -1.49 -2.31 -11.73
N TYR A 136 -1.97 -3.41 -12.31
CA TYR A 136 -1.14 -4.22 -13.19
C TYR A 136 -2.07 -5.14 -13.97
N ASP A 137 -1.85 -5.24 -15.27
CA ASP A 137 -2.62 -6.15 -16.12
C ASP A 137 -1.68 -7.24 -16.63
N PRO A 138 -1.81 -8.48 -16.18
CA PRO A 138 -0.85 -9.52 -16.58
C PRO A 138 -0.85 -9.78 -18.08
N LYS A 139 -1.85 -9.32 -18.82
CA LYS A 139 -1.86 -9.48 -20.27
C LYS A 139 -0.74 -8.68 -20.94
N THR A 140 -0.17 -7.68 -20.28
CA THR A 140 0.93 -6.93 -20.86
C THR A 140 2.20 -7.77 -21.00
N LYS A 141 2.35 -8.83 -20.22
CA LYS A 141 3.56 -9.66 -20.26
C LYS A 141 3.54 -10.57 -21.49
N ASN A 142 3.57 -9.93 -22.65
CA ASN A 142 3.58 -10.63 -23.93
C ASN A 142 4.96 -10.45 -24.56
N VAL A 143 5.85 -11.42 -24.33
CA VAL A 143 7.22 -11.33 -24.83
C VAL A 143 7.31 -11.45 -26.34
N THR A 144 6.23 -11.80 -27.03
CA THR A 144 6.27 -12.05 -28.47
C THR A 144 5.88 -10.85 -29.31
N LYS A 145 5.53 -9.72 -28.70
CA LYS A 145 5.26 -8.51 -29.47
C LYS A 145 6.07 -7.35 -28.90
N GLU A 146 6.16 -6.30 -29.72
CA GLU A 146 6.90 -5.11 -29.37
C GLU A 146 6.46 -4.56 -28.02
N ASN A 147 7.41 -4.00 -27.28
CA ASN A 147 7.13 -3.47 -25.94
C ASN A 147 6.94 -1.96 -26.04
N ASP A 148 5.73 -1.52 -26.36
CA ASP A 148 5.46 -0.09 -26.50
C ASP A 148 4.84 0.46 -25.23
N SER A 149 4.82 1.79 -25.12
CA SER A 149 4.23 2.42 -23.96
C SER A 149 2.74 2.05 -23.88
N LYS A 150 2.27 1.73 -22.68
CA LYS A 150 0.92 1.24 -22.47
C LYS A 150 -0.01 2.37 -22.02
N GLU A 151 -1.28 2.25 -22.37
CA GLU A 151 -2.23 3.28 -21.98
C GLU A 151 -3.07 2.75 -20.84
N GLY A 152 -4.37 2.54 -21.06
CA GLY A 152 -5.19 1.93 -20.02
C GLY A 152 -5.14 2.73 -18.75
N PHE A 153 -4.96 2.06 -17.60
CA PHE A 153 -4.95 2.79 -16.33
C PHE A 153 -3.82 3.79 -16.23
N PHE A 154 -2.74 3.64 -17.02
CA PHE A 154 -1.69 4.65 -16.95
C PHE A 154 -2.18 6.01 -17.42
N THR A 155 -3.06 6.05 -18.41
CA THR A 155 -3.61 7.34 -18.83
C THR A 155 -4.39 7.98 -17.70
N TYR A 156 -5.18 7.19 -16.98
CA TYR A 156 -5.91 7.71 -15.84
C TYR A 156 -4.97 8.25 -14.77
N ILE A 157 -3.93 7.48 -14.45
CA ILE A 157 -2.99 7.86 -13.41
C ILE A 157 -2.29 9.17 -13.75
N CYS A 158 -1.87 9.35 -15.00
CA CYS A 158 -1.19 10.59 -15.37
C CYS A 158 -2.12 11.79 -15.18
N GLY A 159 -3.36 11.66 -15.63
CA GLY A 159 -4.32 12.74 -15.43
C GLY A 159 -4.62 12.95 -13.97
N PHE A 160 -4.72 11.86 -13.19
CA PHE A 160 -5.07 12.00 -11.78
C PHE A 160 -3.96 12.73 -11.03
N ILE A 161 -2.70 12.43 -11.34
CA ILE A 161 -1.59 13.14 -10.73
C ILE A 161 -1.66 14.63 -11.06
N GLN A 162 -1.85 14.95 -12.33
CA GLN A 162 -1.84 16.35 -12.75
C GLN A 162 -3.02 17.13 -12.18
N GLN A 163 -4.17 16.48 -11.99
CA GLN A 163 -5.37 17.18 -11.54
C GLN A 163 -5.60 17.12 -10.04
N LYS A 164 -5.16 16.04 -9.36
CA LYS A 164 -5.58 15.80 -7.99
C LYS A 164 -4.42 15.52 -7.03
N LEU A 165 -3.17 15.71 -7.43
CA LEU A 165 -2.05 15.59 -6.50
C LEU A 165 -1.70 16.99 -5.98
N ALA A 166 -1.72 17.16 -4.67
CA ALA A 166 -1.32 18.42 -4.06
C ALA A 166 0.14 18.72 -4.42
N LEU A 167 0.43 20.00 -4.68
CA LEU A 167 1.83 20.39 -4.77
C LEU A 167 2.53 20.00 -3.47
N GLY A 168 3.75 19.48 -3.60
CA GLY A 168 4.45 18.91 -2.47
C GLY A 168 4.18 17.43 -2.25
N GLY A 169 3.12 16.90 -2.84
CA GLY A 169 2.78 15.51 -2.63
C GLY A 169 3.71 14.58 -3.40
N SER A 170 3.52 13.28 -3.18
CA SER A 170 4.40 12.26 -3.76
C SER A 170 3.58 11.09 -4.28
N VAL A 171 4.21 10.26 -5.13
CA VAL A 171 3.55 9.10 -5.72
C VAL A 171 4.51 7.90 -5.72
N ALA A 172 3.92 6.70 -5.71
CA ALA A 172 4.66 5.45 -5.96
C ALA A 172 3.77 4.60 -6.87
N ILE A 173 4.18 4.42 -8.12
CA ILE A 173 3.35 3.79 -9.14
C ILE A 173 4.08 2.56 -9.67
N LYS A 174 3.46 1.40 -9.53
CA LYS A 174 4.10 0.15 -9.94
C LYS A 174 4.22 0.07 -11.47
N ILE A 175 5.41 -0.31 -11.94
CA ILE A 175 5.66 -0.61 -13.35
C ILE A 175 6.37 -1.96 -13.41
N THR A 176 6.46 -2.50 -14.64
CA THR A 176 7.25 -3.70 -14.91
C THR A 176 7.95 -3.47 -16.25
N GLU A 177 8.64 -4.51 -16.74
CA GLU A 177 9.23 -4.43 -18.07
C GLU A 177 8.20 -4.03 -19.11
N HIS A 178 7.03 -4.69 -19.09
CA HIS A 178 6.00 -4.45 -20.10
C HIS A 178 4.87 -3.54 -19.63
N SER A 179 4.70 -3.32 -18.32
CA SER A 179 3.63 -2.45 -17.81
C SER A 179 4.27 -1.10 -17.45
N TRP A 180 4.24 -0.17 -18.39
CA TRP A 180 4.89 1.11 -18.21
C TRP A 180 4.24 2.07 -19.19
N ASN A 181 4.55 3.36 -19.00
CA ASN A 181 3.95 4.44 -19.78
C ASN A 181 4.96 5.58 -19.89
N ALA A 182 5.17 6.06 -21.12
CA ALA A 182 6.18 7.09 -21.34
C ALA A 182 5.80 8.42 -20.69
N ASP A 183 4.52 8.78 -20.75
CA ASP A 183 4.09 10.03 -20.13
C ASP A 183 4.28 10.01 -18.62
N LEU A 184 4.17 8.84 -17.99
CA LEU A 184 4.36 8.78 -16.54
C LEU A 184 5.82 9.05 -16.19
N TYR A 185 6.76 8.48 -16.95
CA TYR A 185 8.16 8.85 -16.78
C TYR A 185 8.37 10.34 -17.00
N LYS A 186 7.77 10.90 -18.05
CA LYS A 186 7.92 12.33 -18.27
C LYS A 186 7.40 13.12 -17.08
N LEU A 187 6.30 12.66 -16.48
CA LEU A 187 5.74 13.31 -15.30
C LEU A 187 6.68 13.26 -14.10
N MET A 188 7.56 12.25 -14.03
CA MET A 188 8.54 12.23 -12.95
C MET A 188 9.41 13.48 -12.96
N GLY A 189 9.59 14.10 -14.12
CA GLY A 189 10.34 15.35 -14.18
C GLY A 189 9.60 16.55 -13.63
N HIS A 190 8.35 16.37 -13.19
CA HIS A 190 7.57 17.42 -12.55
C HIS A 190 7.62 17.33 -11.03
N PHE A 191 8.49 16.48 -10.49
CA PHE A 191 8.76 16.39 -9.07
C PHE A 191 10.16 16.92 -8.78
N ALA A 192 10.40 17.26 -7.52
CA ALA A 192 11.73 17.70 -7.10
C ALA A 192 12.76 16.59 -7.27
N TRP A 193 12.34 15.33 -7.15
CA TRP A 193 13.23 14.20 -7.30
C TRP A 193 12.38 12.99 -7.69
N TRP A 194 13.01 11.99 -8.30
CA TRP A 194 12.29 10.78 -8.69
C TRP A 194 13.26 9.60 -8.75
N THR A 195 12.71 8.39 -8.69
CA THR A 195 13.52 7.19 -8.90
C THR A 195 12.62 6.03 -9.29
N ALA A 196 13.26 4.92 -9.66
CA ALA A 196 12.59 3.63 -9.79
C ALA A 196 13.15 2.72 -8.70
N PHE A 197 12.28 2.26 -7.82
CA PHE A 197 12.68 1.52 -6.63
C PHE A 197 12.28 0.06 -6.75
N VAL A 198 13.22 -0.84 -6.51
CA VAL A 198 13.00 -2.29 -6.59
C VAL A 198 13.04 -2.85 -5.18
N THR A 199 11.98 -3.54 -4.76
CA THR A 199 12.03 -4.13 -3.42
C THR A 199 12.99 -5.31 -3.41
N ASN A 200 13.71 -5.49 -2.30
CA ASN A 200 14.63 -6.63 -2.19
C ASN A 200 13.89 -7.96 -2.14
N VAL A 201 12.64 -8.01 -1.63
CA VAL A 201 11.94 -9.29 -1.60
C VAL A 201 11.50 -9.72 -2.98
N ASN A 202 11.28 -8.78 -3.91
CA ASN A 202 10.77 -9.12 -5.24
C ASN A 202 11.79 -8.78 -6.33
N ALA A 203 13.07 -8.76 -5.97
CA ALA A 203 14.13 -8.34 -6.89
C ALA A 203 14.28 -9.27 -8.08
N SER A 204 13.68 -10.46 -8.05
CA SER A 204 13.73 -11.36 -9.19
C SER A 204 12.76 -10.98 -10.29
N SER A 205 11.95 -9.93 -10.08
CA SER A 205 10.95 -9.47 -11.03
C SER A 205 11.38 -8.13 -11.62
N SER A 206 10.93 -7.85 -12.85
CA SER A 206 11.20 -6.54 -13.45
C SER A 206 10.31 -5.44 -12.87
N GLU A 207 9.44 -5.79 -11.92
CA GLU A 207 8.68 -4.80 -11.18
C GLU A 207 9.59 -3.72 -10.59
N ALA A 208 9.11 -2.49 -10.60
CA ALA A 208 9.66 -1.41 -9.78
C ALA A 208 8.52 -0.46 -9.41
N PHE A 209 8.74 0.34 -8.39
CA PHE A 209 7.84 1.45 -8.09
C PHE A 209 8.48 2.75 -8.57
N LEU A 210 7.80 3.42 -9.51
CA LEU A 210 8.21 4.74 -9.98
C LEU A 210 7.76 5.75 -8.93
N ILE A 211 8.72 6.40 -8.28
CA ILE A 211 8.44 7.28 -7.15
C ILE A 211 8.74 8.70 -7.59
N GLY A 212 7.74 9.57 -7.47
CA GLY A 212 7.92 11.00 -7.66
C GLY A 212 7.83 11.64 -6.30
N CYS A 213 8.86 12.39 -5.90
CA CYS A 213 9.00 12.92 -4.55
C CYS A 213 8.89 14.44 -4.59
N ASN A 214 7.79 14.96 -4.00
CA ASN A 214 7.46 16.38 -3.88
C ASN A 214 7.08 17.01 -5.22
N TYR A 215 5.77 17.01 -5.51
CA TYR A 215 5.25 17.44 -6.80
C TYR A 215 5.32 18.96 -6.93
N LEU A 216 5.83 19.44 -8.08
CA LEU A 216 5.98 20.86 -8.33
C LEU A 216 4.98 21.43 -9.32
N GLY A 217 4.22 20.57 -10.01
CA GLY A 217 3.19 21.03 -10.92
C GLY A 217 3.67 21.62 -12.22
N LYS A 218 4.94 21.47 -12.55
CA LYS A 218 5.52 21.99 -13.78
C LYS A 218 6.80 21.20 -14.04
N PRO A 219 7.26 21.17 -15.29
CA PRO A 219 8.50 20.41 -15.58
C PRO A 219 9.69 21.07 -14.92
N ARG A 220 10.37 20.33 -14.06
CA ARG A 220 11.67 20.72 -13.57
C ARG A 220 12.75 20.22 -14.51
N GLU A 221 12.53 19.02 -15.04
CA GLU A 221 13.41 18.35 -16.00
C GLU A 221 12.54 17.80 -17.12
N GLN A 222 13.06 17.87 -18.34
CA GLN A 222 12.39 17.25 -19.48
C GLN A 222 12.90 15.82 -19.62
N ILE A 223 12.01 14.85 -19.46
CA ILE A 223 12.35 13.43 -19.54
C ILE A 223 11.64 12.83 -20.74
N ASP A 224 12.41 12.11 -21.56
CA ASP A 224 11.85 11.26 -22.61
C ASP A 224 11.53 9.90 -21.99
N GLY A 225 10.25 9.57 -21.92
CA GLY A 225 9.84 8.37 -21.21
C GLY A 225 10.22 7.07 -21.90
N TYR A 226 10.31 7.09 -23.25
CA TYR A 226 10.78 5.90 -23.96
C TYR A 226 12.24 5.64 -23.64
N VAL A 227 13.07 6.68 -23.67
CA VAL A 227 14.47 6.55 -23.31
C VAL A 227 14.60 6.14 -21.84
N MET A 228 13.79 6.74 -20.96
CA MET A 228 14.02 6.47 -19.53
C MET A 228 13.63 5.03 -19.18
N HIS A 229 12.59 4.49 -19.82
CA HIS A 229 12.27 3.10 -19.53
C HIS A 229 13.36 2.18 -20.05
N ALA A 230 13.95 2.50 -21.21
CA ALA A 230 15.10 1.75 -21.70
C ALA A 230 16.26 1.82 -20.72
N ASN A 231 16.51 3.01 -20.17
CA ASN A 231 17.54 3.18 -19.15
C ASN A 231 17.25 2.30 -17.94
N TYR A 232 15.98 2.23 -17.52
CA TYR A 232 15.60 1.40 -16.37
C TYR A 232 15.89 -0.07 -16.66
N ILE A 233 15.49 -0.56 -17.83
CA ILE A 233 15.73 -1.96 -18.17
C ILE A 233 17.22 -2.25 -18.27
N PHE A 234 18.00 -1.31 -18.82
CA PHE A 234 19.45 -1.50 -18.89
C PHE A 234 20.05 -1.66 -17.49
N TRP A 235 19.66 -0.77 -16.56
CA TRP A 235 20.09 -0.91 -15.17
C TRP A 235 19.74 -2.29 -14.62
N ARG A 236 18.48 -2.71 -14.76
CA ARG A 236 18.07 -4.01 -14.23
C ARG A 236 18.84 -5.13 -14.90
N ASN A 237 19.09 -5.02 -16.22
CA ASN A 237 19.76 -6.08 -16.96
C ASN A 237 21.22 -6.24 -16.52
N THR A 238 21.86 -5.16 -16.08
CA THR A 238 23.28 -5.22 -15.76
C THR A 238 23.60 -5.15 -14.28
N ASN A 239 22.59 -5.11 -13.40
CA ASN A 239 22.81 -5.02 -11.96
C ASN A 239 21.90 -6.01 -11.26
N PRO A 240 22.31 -7.29 -11.18
CA PRO A 240 21.52 -8.26 -10.42
C PRO A 240 21.38 -7.81 -8.99
N ILE A 241 20.17 -7.95 -8.45
CA ILE A 241 19.88 -7.55 -7.08
C ILE A 241 19.66 -8.82 -6.27
N GLN A 242 20.42 -8.99 -5.20
CA GLN A 242 20.30 -10.18 -4.36
C GLN A 242 18.96 -10.16 -3.62
N LEU A 243 18.13 -11.19 -3.83
CA LEU A 243 16.88 -11.29 -3.10
C LEU A 243 17.14 -11.24 -1.60
N SER A 244 16.31 -10.50 -0.85
CA SER A 244 16.57 -10.34 0.57
C SER A 244 15.32 -9.94 1.33
N SER A 245 15.09 -10.61 2.45
CA SER A 245 14.02 -10.27 3.39
C SER A 245 14.56 -9.61 4.65
N TYR A 246 15.86 -9.29 4.69
CA TYR A 246 16.49 -8.88 5.96
C TYR A 246 15.75 -7.71 6.62
N SER A 247 15.36 -6.70 5.83
CA SER A 247 14.82 -5.48 6.42
C SER A 247 13.45 -5.71 7.06
N LEU A 248 12.79 -6.82 6.73
CA LEU A 248 11.49 -7.12 7.33
C LEU A 248 11.58 -7.41 8.80
N PHE A 249 12.76 -7.82 9.29
CA PHE A 249 12.88 -8.26 10.67
C PHE A 249 13.13 -7.10 11.64
N ASP A 250 13.35 -5.89 11.14
CA ASP A 250 13.54 -4.73 12.02
C ASP A 250 12.47 -3.70 11.68
N MET A 251 11.43 -3.68 12.50
CA MET A 251 10.30 -2.79 12.30
C MET A 251 10.23 -1.68 13.35
N SER A 252 11.30 -1.51 14.15
CA SER A 252 11.24 -0.58 15.27
C SER A 252 11.07 0.85 14.82
N LYS A 253 11.58 1.23 13.64
CA LYS A 253 11.44 2.58 13.14
C LYS A 253 10.55 2.64 11.90
N PHE A 254 9.60 1.71 11.79
CA PHE A 254 8.75 1.64 10.60
C PHE A 254 7.78 2.83 10.44
N PRO A 255 7.06 3.28 11.48
CA PRO A 255 6.00 4.27 11.24
C PRO A 255 6.51 5.55 10.61
N LEU A 256 5.74 6.06 9.66
CA LEU A 256 6.05 7.34 9.03
C LEU A 256 6.01 8.45 10.08
N LYS A 257 7.06 9.27 10.12
CA LYS A 257 7.12 10.36 11.11
C LYS A 257 6.07 11.41 10.79
N LEU A 258 5.19 11.72 11.74
CA LEU A 258 4.22 12.79 11.51
C LEU A 258 4.96 14.11 11.64
N ARG A 259 5.18 14.78 10.52
CA ARG A 259 5.96 16.00 10.49
C ARG A 259 5.11 17.26 10.66
N GLY A 260 3.78 17.13 10.64
CA GLY A 260 2.91 18.29 10.72
C GLY A 260 3.15 19.30 9.64
N THR A 261 3.51 18.84 8.43
CA THR A 261 3.85 19.72 7.32
C THR A 261 2.75 20.72 7.06
N ALA A 262 3.14 22.00 6.88
CA ALA A 262 2.17 23.05 6.65
C ALA A 262 1.39 22.81 5.36
N VAL A 263 0.09 23.09 5.41
CA VAL A 263 -0.79 23.06 4.25
C VAL A 263 -1.29 24.46 4.00
N MET A 264 -1.11 24.95 2.79
CA MET A 264 -1.57 26.28 2.40
C MET A 264 -2.39 26.19 1.12
N SER A 265 -3.39 27.05 1.04
CA SER A 265 -4.09 27.29 -0.20
C SER A 265 -3.41 28.46 -0.91
N LEU A 266 -2.99 28.24 -2.16
CA LEU A 266 -2.36 29.30 -2.93
C LEU A 266 -2.77 29.18 -4.38
N LYS A 267 -3.03 30.32 -5.01
CA LYS A 267 -3.38 30.35 -6.42
C LYS A 267 -2.11 30.39 -7.26
N GLU A 268 -2.25 30.00 -8.53
CA GLU A 268 -1.09 29.73 -9.37
C GLU A 268 -0.08 30.88 -9.40
N GLY A 269 -0.56 32.12 -9.22
CA GLY A 269 0.33 33.26 -9.31
C GLY A 269 1.27 33.44 -8.14
N GLN A 270 1.00 32.78 -7.00
CA GLN A 270 1.81 32.97 -5.81
C GLN A 270 2.86 31.88 -5.61
N ILE A 271 2.94 30.91 -6.52
CA ILE A 271 3.97 29.88 -6.41
C ILE A 271 5.27 30.45 -6.97
N ASN A 272 6.03 31.15 -6.13
CA ASN A 272 7.31 31.71 -6.52
C ASN A 272 8.42 30.68 -6.29
N ASP A 273 9.67 31.11 -6.52
CA ASP A 273 10.80 30.22 -6.34
C ASP A 273 11.01 29.86 -4.88
N MET A 274 10.62 30.74 -3.96
CA MET A 274 10.74 30.43 -2.54
C MET A 274 9.73 29.36 -2.13
N ILE A 275 8.51 29.44 -2.67
CA ILE A 275 7.52 28.39 -2.45
C ILE A 275 7.97 27.08 -3.07
N LEU A 276 8.45 27.15 -4.32
CA LEU A 276 8.95 25.96 -4.99
C LEU A 276 10.08 25.31 -4.21
N SER A 277 10.88 26.13 -3.51
CA SER A 277 11.97 25.57 -2.73
C SER A 277 11.44 24.86 -1.48
N LEU A 278 10.42 25.42 -0.83
CA LEU A 278 9.82 24.74 0.31
C LEU A 278 9.16 23.43 -0.12
N LEU A 279 8.41 23.45 -1.23
CA LEU A 279 7.81 22.25 -1.78
C LEU A 279 8.87 21.17 -2.02
N SER A 280 10.01 21.58 -2.58
CA SER A 280 11.06 20.66 -2.98
C SER A 280 11.73 19.97 -1.80
N LYS A 281 11.67 20.56 -0.60
CA LYS A 281 12.28 20.01 0.59
C LYS A 281 11.29 19.26 1.47
N GLY A 282 10.08 19.01 0.98
CA GLY A 282 9.12 18.29 1.80
C GLY A 282 8.54 19.11 2.92
N ARG A 283 8.59 20.44 2.80
CA ARG A 283 8.20 21.34 3.87
C ARG A 283 6.86 22.02 3.64
N LEU A 284 6.16 21.70 2.56
CA LEU A 284 4.93 22.41 2.25
C LEU A 284 4.03 21.57 1.36
N ILE A 285 2.73 21.61 1.66
CA ILE A 285 1.68 21.05 0.82
C ILE A 285 0.77 22.18 0.40
N ILE A 286 0.41 22.23 -0.88
CA ILE A 286 -0.50 23.26 -1.37
C ILE A 286 -1.77 22.59 -1.87
N ARG A 287 -2.86 22.79 -1.14
CA ARG A 287 -4.19 22.30 -1.50
C ARG A 287 -5.18 22.94 -0.54
N GLU A 288 -6.46 22.75 -0.83
CA GLU A 288 -7.49 23.13 0.13
C GLU A 288 -7.53 22.10 1.26
N ASN A 289 -8.21 22.47 2.34
CA ASN A 289 -8.32 21.59 3.50
C ASN A 289 -9.78 21.34 3.87
N ASN A 290 -10.64 21.27 2.86
CA ASN A 290 -12.06 20.98 3.08
C ASN A 290 -12.27 19.48 3.26
N ARG A 291 -13.51 19.03 3.11
CA ARG A 291 -13.87 17.65 3.32
C ARG A 291 -13.40 16.79 2.15
N VAL A 292 -13.08 15.54 2.45
CA VAL A 292 -12.70 14.57 1.43
C VAL A 292 -13.96 13.90 0.93
N VAL A 293 -14.23 14.04 -0.36
CA VAL A 293 -15.43 13.49 -0.99
C VAL A 293 -15.00 12.74 -2.25
N ILE A 294 -15.46 11.50 -2.38
CA ILE A 294 -15.08 10.62 -3.48
C ILE A 294 -16.32 9.98 -4.08
N SER A 295 -16.17 9.45 -5.30
CA SER A 295 -17.29 8.77 -5.94
C SER A 295 -16.78 7.88 -7.06
N SER A 296 -17.62 6.90 -7.40
CA SER A 296 -17.38 6.04 -8.55
C SER A 296 -18.54 6.15 -9.52
N ASP A 297 -18.22 6.44 -10.78
CA ASP A 297 -19.24 6.49 -11.82
C ASP A 297 -19.80 5.09 -12.07
N VAL A 298 -21.12 4.99 -12.13
CA VAL A 298 -21.81 3.74 -12.42
C VAL A 298 -22.49 3.87 -13.78
N LEU A 299 -22.14 2.99 -14.71
CA LEU A 299 -22.77 2.95 -16.01
C LEU A 299 -24.05 2.12 -15.92
N VAL A 300 -25.17 2.72 -16.31
CA VAL A 300 -26.47 2.05 -16.23
C VAL A 300 -26.85 1.56 -17.63
N ASN A 301 -27.24 0.29 -17.73
CA ASN A 301 -27.79 -0.24 -18.97
C ASN A 301 -28.61 -1.49 -18.64
N ASN A 302 -28.98 -2.25 -19.68
CA ASN A 302 -29.69 -3.50 -19.48
C ASN A 302 -29.23 -4.56 -20.48
N ALA B 21 -38.58 -13.03 11.47
CA ALA B 21 -37.83 -13.69 12.55
C ALA B 21 -36.60 -14.43 12.03
N PHE B 22 -36.60 -14.78 10.75
CA PHE B 22 -35.49 -15.52 10.17
C PHE B 22 -34.26 -14.62 10.05
N ALA B 23 -33.13 -15.13 10.53
CA ALA B 23 -31.84 -14.46 10.35
C ALA B 23 -30.80 -15.53 10.12
N VAL B 24 -29.93 -15.34 9.13
CA VAL B 24 -28.82 -16.26 8.96
C VAL B 24 -27.87 -16.09 10.13
N ASP B 25 -27.39 -17.21 10.68
CA ASP B 25 -26.47 -17.21 11.81
C ASP B 25 -25.13 -17.75 11.34
N ALA B 26 -24.33 -16.86 10.75
CA ALA B 26 -23.06 -17.27 10.17
C ALA B 26 -22.07 -17.69 11.23
N ALA B 27 -22.08 -17.02 12.40
CA ALA B 27 -21.18 -17.40 13.48
C ALA B 27 -21.39 -18.85 13.88
N LYS B 28 -22.66 -19.23 14.11
CA LYS B 28 -22.97 -20.62 14.42
C LYS B 28 -22.55 -21.55 13.29
N ALA B 29 -22.78 -21.14 12.03
CA ALA B 29 -22.44 -21.99 10.89
C ALA B 29 -20.94 -22.22 10.81
N TYR B 30 -20.14 -21.19 11.08
CA TYR B 30 -18.69 -21.35 11.01
C TYR B 30 -18.18 -22.22 12.16
N LYS B 31 -18.67 -21.97 13.38
CA LYS B 31 -18.32 -22.82 14.51
C LYS B 31 -18.64 -24.28 14.23
N ASP B 32 -19.85 -24.55 13.71
CA ASP B 32 -20.23 -25.93 13.39
C ASP B 32 -19.38 -26.49 12.26
N TYR B 33 -19.05 -25.66 11.28
CA TYR B 33 -18.12 -26.09 10.22
C TYR B 33 -16.77 -26.46 10.81
N LEU B 34 -16.27 -25.65 11.75
CA LEU B 34 -14.98 -25.93 12.36
C LEU B 34 -15.03 -27.23 13.15
N ALA B 35 -16.08 -27.40 13.96
CA ALA B 35 -16.22 -28.60 14.77
C ALA B 35 -16.31 -29.84 13.89
N SER B 36 -16.98 -29.75 12.76
CA SER B 36 -17.01 -30.88 11.84
C SER B 36 -15.68 -31.11 11.13
N GLY B 37 -14.59 -30.41 11.47
CA GLY B 37 -13.31 -30.65 10.84
C GLY B 37 -13.02 -29.86 9.59
N GLY B 38 -13.73 -28.77 9.35
CA GLY B 38 -13.45 -27.94 8.18
C GLY B 38 -12.23 -27.06 8.39
N GLN B 39 -11.52 -26.79 7.30
CA GLN B 39 -10.31 -25.99 7.40
C GLN B 39 -10.66 -24.51 7.59
N PRO B 40 -9.98 -23.82 8.51
CA PRO B 40 -10.33 -22.42 8.82
C PRO B 40 -10.18 -21.50 7.62
N ILE B 41 -10.86 -20.35 7.72
CA ILE B 41 -10.73 -19.30 6.72
C ILE B 41 -9.27 -18.89 6.61
N THR B 42 -8.77 -18.80 5.38
CA THR B 42 -7.37 -18.48 5.12
C THR B 42 -7.21 -17.05 4.63
N ASN B 43 -5.96 -16.68 4.33
CA ASN B 43 -5.60 -15.39 3.77
C ASN B 43 -5.93 -14.22 4.68
N CYS B 44 -6.00 -14.46 5.99
CA CYS B 44 -5.96 -13.35 6.93
C CYS B 44 -4.61 -12.67 6.80
N VAL B 45 -4.60 -11.34 6.90
CA VAL B 45 -3.42 -10.55 6.51
C VAL B 45 -2.54 -10.37 7.74
N LYS B 46 -1.43 -11.12 7.79
CA LYS B 46 -0.52 -11.03 8.94
C LYS B 46 0.51 -9.93 8.70
N MET B 47 0.71 -9.09 9.72
CA MET B 47 1.58 -7.93 9.61
C MET B 47 2.99 -8.27 10.12
N LEU B 48 3.97 -7.58 9.55
CA LEU B 48 5.29 -7.49 10.18
C LEU B 48 5.24 -6.50 11.34
N CYS B 49 5.84 -6.88 12.47
CA CYS B 49 5.88 -5.98 13.61
C CYS B 49 7.01 -6.41 14.52
N THR B 50 7.26 -5.62 15.57
CA THR B 50 8.35 -5.89 16.50
C THR B 50 8.07 -7.07 17.41
N HIS B 51 6.79 -7.38 17.67
CA HIS B 51 6.38 -8.35 18.69
C HIS B 51 6.87 -7.95 20.08
N THR B 52 6.93 -6.64 20.34
CA THR B 52 7.18 -6.08 21.66
C THR B 52 6.08 -5.11 22.05
N GLY B 53 4.85 -5.36 21.59
CA GLY B 53 3.76 -4.45 21.81
C GLY B 53 2.99 -4.77 23.07
N THR B 54 1.93 -4.00 23.30
CA THR B 54 1.15 -4.11 24.53
C THR B 54 0.43 -5.44 24.66
N GLY B 55 0.19 -6.14 23.56
CA GLY B 55 -0.56 -7.38 23.63
C GLY B 55 -2.05 -7.22 23.77
N GLN B 56 -2.58 -6.00 23.71
CA GLN B 56 -4.03 -5.82 23.75
C GLN B 56 -4.69 -6.38 22.49
N ALA B 57 -6.00 -6.61 22.58
CA ALA B 57 -6.69 -7.45 21.60
C ALA B 57 -6.88 -6.75 20.25
N ILE B 58 -7.39 -5.51 20.27
CA ILE B 58 -7.76 -4.79 19.04
C ILE B 58 -7.23 -3.38 19.17
N THR B 59 -6.33 -2.98 18.27
CA THR B 59 -5.54 -1.78 18.46
C THR B 59 -5.44 -1.00 17.15
N VAL B 60 -5.02 0.26 17.25
CA VAL B 60 -4.97 1.10 16.05
C VAL B 60 -3.74 0.81 15.18
N THR B 61 -2.73 0.16 15.75
CA THR B 61 -1.53 -0.27 15.05
C THR B 61 -1.16 -1.63 15.64
N PRO B 62 -0.36 -2.43 14.91
CA PRO B 62 -0.01 -3.76 15.44
C PRO B 62 0.61 -3.67 16.84
N GLU B 63 0.10 -4.49 17.74
CA GLU B 63 0.59 -4.51 19.11
C GLU B 63 0.91 -5.91 19.60
N ALA B 64 1.20 -6.84 18.70
CA ALA B 64 1.53 -8.19 19.12
C ALA B 64 2.70 -8.18 20.10
N ASN B 65 2.60 -9.01 21.14
CA ASN B 65 3.73 -9.26 22.01
C ASN B 65 4.47 -10.50 21.52
N MET B 66 5.36 -11.05 22.36
CA MET B 66 6.15 -12.21 21.93
C MET B 66 5.29 -13.43 21.67
N ASP B 67 4.09 -13.49 22.26
CA ASP B 67 3.20 -14.64 22.17
C ASP B 67 2.09 -14.47 21.14
N GLN B 68 2.13 -13.42 20.32
CA GLN B 68 1.02 -13.10 19.43
C GLN B 68 1.49 -12.80 18.02
N GLU B 69 0.54 -12.89 17.08
CA GLU B 69 0.67 -12.33 15.75
C GLU B 69 -0.35 -11.21 15.59
N SER B 70 -0.02 -10.20 14.81
CA SER B 70 -0.93 -9.11 14.51
C SER B 70 -1.46 -9.25 13.09
N PHE B 71 -2.76 -9.04 12.92
CA PHE B 71 -3.41 -9.17 11.63
C PHE B 71 -4.21 -7.91 11.29
N GLY B 72 -4.29 -7.62 9.99
CA GLY B 72 -5.23 -6.60 9.55
C GLY B 72 -6.64 -7.00 9.95
N GLY B 73 -7.39 -6.06 10.53
CA GLY B 73 -8.64 -6.41 11.20
C GLY B 73 -9.72 -6.89 10.24
N ALA B 74 -9.93 -6.17 9.13
CA ALA B 74 -10.97 -6.56 8.19
C ALA B 74 -10.83 -8.01 7.74
N SER B 75 -9.60 -8.46 7.49
CA SER B 75 -9.37 -9.82 6.99
C SER B 75 -9.67 -10.90 8.02
N CYS B 76 -9.85 -10.53 9.29
CA CYS B 76 -10.14 -11.49 10.35
C CYS B 76 -11.60 -11.44 10.80
N CYS B 77 -12.44 -10.69 10.10
CA CYS B 77 -13.82 -10.50 10.52
C CYS B 77 -14.70 -11.43 9.69
N LEU B 78 -15.46 -12.29 10.37
CA LEU B 78 -16.29 -13.23 9.63
C LEU B 78 -17.26 -12.51 8.72
N TYR B 79 -17.84 -11.41 9.20
CA TYR B 79 -18.87 -10.73 8.41
C TYR B 79 -18.27 -10.00 7.22
N CYS B 80 -17.14 -9.32 7.44
CA CYS B 80 -16.41 -8.74 6.32
C CYS B 80 -16.08 -9.81 5.28
N ARG B 81 -15.51 -10.95 5.72
CA ARG B 81 -14.97 -11.93 4.77
C ARG B 81 -16.07 -12.67 4.03
N CYS B 82 -17.22 -12.91 4.67
CA CYS B 82 -18.32 -13.61 4.04
C CYS B 82 -19.28 -12.68 3.29
N HIS B 83 -19.04 -11.38 3.33
CA HIS B 83 -19.90 -10.39 2.68
C HIS B 83 -21.34 -10.52 3.19
N ILE B 84 -21.48 -10.41 4.51
CA ILE B 84 -22.79 -10.46 5.16
C ILE B 84 -22.87 -9.35 6.18
N ASP B 85 -24.08 -9.00 6.57
CA ASP B 85 -24.28 -7.88 7.48
C ASP B 85 -23.64 -8.16 8.82
N HIS B 86 -23.17 -7.11 9.47
CA HIS B 86 -22.65 -7.29 10.81
C HIS B 86 -23.81 -7.36 11.81
N PRO B 87 -23.72 -8.23 12.81
CA PRO B 87 -24.85 -8.50 13.73
C PRO B 87 -24.99 -7.45 14.83
N ASN B 88 -25.44 -6.27 14.43
CA ASN B 88 -25.85 -5.22 15.35
C ASN B 88 -26.66 -4.21 14.55
N PRO B 89 -27.68 -3.57 15.17
CA PRO B 89 -28.40 -2.47 14.51
C PRO B 89 -27.60 -1.61 13.54
N LYS B 90 -26.47 -1.07 14.01
CA LYS B 90 -25.66 -0.14 13.24
C LYS B 90 -24.94 -0.81 12.07
N GLY B 91 -24.82 -2.13 12.07
CA GLY B 91 -24.02 -2.81 11.08
C GLY B 91 -22.55 -2.44 11.13
N PHE B 92 -22.07 -2.01 12.30
CA PHE B 92 -20.71 -1.50 12.47
C PHE B 92 -19.75 -2.66 12.73
N CYS B 93 -18.50 -2.48 12.31
CA CYS B 93 -17.46 -3.50 12.46
C CYS B 93 -16.36 -2.93 13.33
N ASP B 94 -16.03 -3.63 14.42
CA ASP B 94 -15.00 -3.15 15.32
C ASP B 94 -13.65 -3.77 15.03
N LEU B 95 -13.51 -4.48 13.91
CA LEU B 95 -12.20 -4.98 13.48
C LEU B 95 -11.65 -4.23 12.28
N LYS B 96 -12.51 -3.87 11.34
CA LYS B 96 -12.05 -3.23 10.11
C LYS B 96 -11.37 -1.90 10.41
N GLY B 97 -10.20 -1.69 9.81
CA GLY B 97 -9.42 -0.49 10.04
C GLY B 97 -8.53 -0.54 11.26
N LYS B 98 -8.57 -1.63 12.01
CA LYS B 98 -7.75 -1.85 13.19
C LYS B 98 -6.84 -3.06 12.95
N TYR B 99 -6.09 -3.43 13.99
CA TYR B 99 -5.28 -4.64 13.98
C TYR B 99 -5.70 -5.51 15.14
N VAL B 100 -5.81 -6.81 14.89
CA VAL B 100 -6.20 -7.76 15.92
C VAL B 100 -4.99 -8.62 16.27
N GLN B 101 -4.74 -8.76 17.56
CA GLN B 101 -3.67 -9.61 18.07
C GLN B 101 -4.24 -11.01 18.35
N ILE B 102 -3.60 -12.03 17.80
CA ILE B 102 -4.03 -13.41 17.94
C ILE B 102 -2.91 -14.17 18.62
N PRO B 103 -3.18 -14.92 19.69
CA PRO B 103 -2.16 -15.82 20.24
C PRO B 103 -1.57 -16.69 19.16
N THR B 104 -0.24 -16.81 19.16
CA THR B 104 0.43 -17.54 18.09
C THR B 104 -0.10 -18.96 17.98
N THR B 105 -0.48 -19.59 19.11
CA THR B 105 -1.00 -20.94 19.05
C THR B 105 -2.37 -21.01 18.38
N CYS B 106 -3.06 -19.88 18.23
CA CYS B 106 -4.38 -19.83 17.60
C CYS B 106 -4.35 -19.14 16.24
N ALA B 107 -3.17 -18.77 15.73
CA ALA B 107 -3.10 -17.93 14.54
C ALA B 107 -3.42 -18.69 13.27
N ASN B 108 -3.59 -20.01 13.34
CA ASN B 108 -4.07 -20.76 12.19
C ASN B 108 -5.52 -20.45 11.86
N ASP B 109 -6.27 -19.84 12.77
CA ASP B 109 -7.69 -19.54 12.57
C ASP B 109 -8.03 -18.22 13.23
N PRO B 110 -7.57 -17.10 12.67
CA PRO B 110 -7.89 -15.81 13.31
C PRO B 110 -9.37 -15.49 13.33
N VAL B 111 -10.12 -15.87 12.29
CA VAL B 111 -11.56 -15.57 12.28
C VAL B 111 -12.26 -16.34 13.40
N GLY B 112 -11.97 -17.63 13.51
CA GLY B 112 -12.55 -18.41 14.60
C GLY B 112 -12.18 -17.85 15.97
N PHE B 113 -10.93 -17.42 16.14
CA PHE B 113 -10.53 -16.88 17.43
C PHE B 113 -11.33 -15.63 17.78
N THR B 114 -11.45 -14.69 16.84
CA THR B 114 -12.15 -13.45 17.18
C THR B 114 -13.63 -13.73 17.44
N LEU B 115 -14.20 -14.73 16.76
CA LEU B 115 -15.61 -15.06 16.96
C LEU B 115 -15.85 -15.64 18.35
N LYS B 116 -14.94 -16.47 18.83
CA LYS B 116 -15.14 -17.27 20.03
C LYS B 116 -14.67 -16.59 21.31
N ASN B 117 -14.05 -15.42 21.23
CA ASN B 117 -13.42 -14.84 22.40
C ASN B 117 -13.92 -13.42 22.64
N THR B 118 -13.64 -12.91 23.84
CA THR B 118 -14.14 -11.62 24.27
C THR B 118 -12.99 -10.77 24.80
N VAL B 119 -13.11 -9.47 24.56
CA VAL B 119 -12.12 -8.50 24.99
C VAL B 119 -12.53 -7.95 26.36
N CYS B 120 -11.60 -7.97 27.31
CA CYS B 120 -11.88 -7.35 28.60
C CYS B 120 -12.03 -5.85 28.44
N THR B 121 -13.15 -5.32 28.93
CA THR B 121 -13.45 -3.92 28.70
C THR B 121 -12.66 -2.97 29.60
N VAL B 122 -11.93 -3.46 30.60
CA VAL B 122 -11.15 -2.57 31.46
C VAL B 122 -9.68 -2.55 31.07
N CYS B 123 -9.09 -3.69 30.71
CA CYS B 123 -7.68 -3.71 30.35
C CYS B 123 -7.42 -3.87 28.85
N GLY B 124 -8.42 -4.28 28.07
CA GLY B 124 -8.26 -4.39 26.64
C GLY B 124 -7.61 -5.66 26.13
N MET B 125 -7.25 -6.58 27.02
CA MET B 125 -6.71 -7.88 26.63
C MET B 125 -7.82 -8.89 26.36
N TRP B 126 -7.46 -9.96 25.66
CA TRP B 126 -8.39 -11.06 25.49
C TRP B 126 -8.64 -11.73 26.83
N LYS B 127 -9.91 -11.92 27.18
CA LYS B 127 -10.22 -12.73 28.35
C LYS B 127 -9.63 -14.12 28.16
N GLY B 128 -8.86 -14.57 29.15
CA GLY B 128 -8.22 -15.87 29.09
C GLY B 128 -6.98 -15.93 28.24
N TYR B 129 -6.57 -14.83 27.63
CA TYR B 129 -5.35 -14.80 26.82
C TYR B 129 -4.63 -13.47 27.06
N GLY B 130 -4.52 -13.08 28.33
CA GLY B 130 -3.80 -11.87 28.68
C GLY B 130 -4.48 -11.04 29.74
N CYS B 131 -5.80 -11.16 29.88
CA CYS B 131 -6.50 -10.39 30.90
C CYS B 131 -6.26 -11.01 32.27
N SER B 132 -5.68 -10.24 33.18
CA SER B 132 -5.38 -10.72 34.53
C SER B 132 -6.18 -9.96 35.58
N CYS B 133 -7.40 -9.55 35.21
CA CYS B 133 -8.20 -8.68 36.07
C CYS B 133 -8.90 -9.41 37.20
N ASP B 134 -8.85 -10.74 37.23
CA ASP B 134 -9.68 -11.53 38.14
C ASP B 134 -8.90 -12.41 39.11
N GLN B 135 -7.57 -12.35 39.11
CA GLN B 135 -6.83 -13.30 39.94
C GLN B 135 -6.85 -12.90 41.41
O1 MES C . 14.67 12.52 -0.23
C2 MES C . 16.02 12.31 0.22
C3 MES C . 16.96 11.77 -0.86
N4 MES C . 16.80 12.58 -2.05
C5 MES C . 15.44 12.72 -2.56
C6 MES C . 14.54 13.23 -1.45
C7 MES C . 17.78 12.48 -3.14
C8 MES C . 19.05 11.82 -2.62
S MES C . 20.16 11.52 -3.84
O1S MES C . 20.02 12.35 -5.07
O2S MES C . 20.02 10.07 -4.21
O3S MES C . 21.50 11.72 -3.25
C1 A1H3D D . -6.43 -5.62 -10.51
C1 A1H3D D . -6.46 -5.62 -10.44
C11 A1H3D D . -7.14 -2.40 -11.84
C11 A1H3D D . -7.14 -2.38 -11.69
C12 A1H3D D . -7.14 -2.01 -13.17
C12 A1H3D D . -7.02 -1.94 -13.00
C14 A1H3D D . -5.80 -3.73 -12.92
C14 A1H3D D . -5.64 -3.61 -12.67
C16 A1H3D D . -8.66 -0.69 -11.36
C16 A1H3D D . -8.76 -0.73 -11.29
C18 A1H3D D . -7.94 -0.94 -13.57
C18 A1H3D D . -7.81 -0.87 -13.44
C2 A1H3D D . -5.56 -6.23 -9.42
C2 A1H3D D . -5.58 -6.33 -9.44
C20 A1H3D D . -2.70 -5.67 -6.96
C20 A1H3D D . -2.79 -8.63 -11.22
C21 A1H3D D . -2.64 -6.37 -5.66
C21 A1H3D D . -1.80 -9.74 -10.98
C22 A1H3D D . -2.88 -7.73 -5.51
C22 A1H3D D . -0.98 -10.17 -12.02
C23 A1H3D D . -2.80 -8.29 -4.24
C23 A1H3D D . -0.05 -11.19 -11.79
C24 A1H3D D . -2.48 -7.52 -3.13
C24 A1H3D D . 0.05 -11.77 -10.55
C25 A1H3D D . -2.23 -6.18 -3.35
C25 A1H3D D . -0.78 -11.34 -9.51
C26 A1H3D D . -2.32 -5.60 -4.60
C26 A1H3D D . -1.70 -10.32 -9.73
C27 A1H3D D . -1.85 -5.22 -2.31
C27 A1H3D D . -0.69 -11.96 -8.16
C3 A1H3D D . -4.41 -5.25 -9.23
C3 A1H3D D . -4.35 -5.44 -9.34
C5 A1H3D D . -6.05 -4.14 -10.44
C5 A1H3D D . -6.13 -4.15 -10.24
C9 A1H3D D . -3.08 -5.89 -9.60
C9 A1H3D D . -3.27 -5.87 -10.34
N13 A1H3D D . -6.30 -2.85 -13.82
N13 A1H3D D . -6.09 -2.72 -13.60
N15 A1H3D D . -7.90 -1.72 -10.95
N15 A1H3D D . -8.01 -1.75 -10.86
N17 A1H3D D . -8.69 -0.29 -12.64
N17 A1H3D D . -8.67 -0.28 -12.56
N19 A1H3D D . -7.98 -0.52 -14.87
N19 A1H3D D . -7.74 -0.39 -14.71
N8 A1H3D D . -6.32 -3.44 -11.72
N8 A1H3D D . -6.29 -3.40 -11.50
O28 A1H3D D . -1.72 -4.04 -2.71
O28 A1H3D D . -0.52 -11.23 -7.16
O29 A1H3D D . -1.70 -5.63 -1.16
O29 A1H3D D . -0.79 -13.21 -8.07
O4 A1H3D D . -4.66 -4.13 -10.09
O4 A1H3D D . -4.78 -4.13 -9.73
O6 A1H3D D . -6.31 -6.39 -8.21
O6 A1H3D D . -6.25 -6.41 -8.17
O7 A1H3D D . -7.83 -5.82 -10.25
O7 A1H3D D . -7.86 -5.88 -10.20
S10 A1H3D D . -2.66 -6.88 -8.21
S10 A1H3D D . -2.55 -7.43 -9.95
ZN ZN E . -16.26 -6.73 9.73
ZN ZN F . -8.96 -7.40 32.03
#